data_9ODB
#
_entry.id   9ODB
#
_cell.length_a   1.00
_cell.length_b   1.00
_cell.length_c   1.00
_cell.angle_alpha   90.00
_cell.angle_beta   90.00
_cell.angle_gamma   90.00
#
_symmetry.space_group_name_H-M   'P 1'
#
loop_
_entity.id
_entity.type
_entity.pdbx_description
1 polymer 'chicken IgY heavy chain,Ig-like domain-containing protein'
2 polymer 'Clone 2.1 Fab heavy chain'
3 polymer 'Clone 2.1 Fab light chain'
4 non-polymer 2-acetamido-2-deoxy-beta-D-glucopyranose
#
loop_
_entity_poly.entity_id
_entity_poly.type
_entity_poly.pdbx_seq_one_letter_code
_entity_poly.pdbx_strand_id
1 'polypeptide(L)'
;AVTLDESGGGLQTPGGTLSLVCEGSGFTFSSFHMQWVRQALGKGLEWVAGISGSGKYTSYGAAVKGRATISRDNGQSTVR
LQLNNLKAEDTGTYYCTRSSCGGCCDWSPYTTGCGAYSTGTIDAWGHGTEVIVSSASPTSPPRLYPLSACCSDSAVPPAV
GCLLSPSSAGGISWEGSGGTAVAGRVSGTPVKLSFVRLSPGEKRKSFVCSAAPGGALLKKEVQVCRVDPVPPVAPEVQVL
HPSSCTPSQSESVELLCLVTGFSPASAEVEWLVDGVGGLLVASQSPAVRSGSTYSLSSRVNVSGTDWREGKSYSCRVRHP
ATNTVVEDHVKGCPDGAQSCSPIQLYAIPPSPGELYISLDAKLRCLVVNLPSDSSLSVTWTREKSGNLRPDPMVLQEHFN
GTYSASSAVPVSTQDWLSGERFTCTVQHEELPLPLSKSVYRNTGPTTPPLIYPFAPHPEELSLSRVTLSCLVRGFRPRDI
EIRWLRDHRAVPATEFVTTAVLPEERTANGAGGDGDTFFVYSKMSVETAKWNGGTVFACMAVHEALPMRFSQRTLQKQAG
K
;
A,D
2 'polypeptide(L)'
;EVQLQESGPSLVKPSQTLSLTCSVTGASITSGYWNWIRKFPGNRLEYMGYISYSGGTYYNPSLKSRISITRDTSKNQYYL
QLNSVTTEDTATYYCARDFDVWGAGTTVTVSSASTKGPSVFPLAPSSKSTSGGTAALGCLVKDYFPEPVTVSWNSGALTS
GVHTFPAVLQSSGLYSLSSVVTVPSSSLGTQTYICNVNHKPSNTKVDKRVEPKSCDKTHTSRHHHHHHSGSDYKDDDDK
;
H,B
3 'polypeptide(L)'
;DIVMTQSQKFMSTSVGDRVSVTCKASQNVGTNVGWFQQKPGQSPKSLIYSASYRYSGVPDRFTGSGSGTDFTLTISNVQS
EDLAEYFCHQYYSYPLTFGSGTKLEIKRTVAAPSVFIFPPSDEQLKSGTASVVCLLNNFYPREAKVQWKVDNALQSGNSQ
ESVTEQDSKDSTYSLSSTLTLSKADYEKHKVYACEVTHQGLSSPVTKSFNRGEC
;
L,C
#
# COMPACT_ATOMS: atom_id res chain seq x y z
N VAL A 233 -16.91 -10.86 -12.41
CA VAL A 233 -15.52 -11.03 -12.83
C VAL A 233 -14.86 -9.69 -13.15
N ALA A 234 -15.55 -8.58 -12.90
CA ALA A 234 -14.94 -7.28 -13.10
C ALA A 234 -13.85 -7.06 -12.04
N PRO A 235 -12.80 -6.30 -12.35
CA PRO A 235 -11.75 -6.10 -11.35
C PRO A 235 -12.12 -5.23 -10.17
N GLU A 236 -11.41 -5.48 -9.06
CA GLU A 236 -11.42 -4.58 -7.93
C GLU A 236 -10.04 -3.97 -7.86
N VAL A 237 -9.96 -2.67 -7.57
CA VAL A 237 -8.70 -1.94 -7.56
C VAL A 237 -8.53 -1.20 -6.25
N GLN A 238 -7.32 -1.23 -5.70
CA GLN A 238 -6.97 -0.48 -4.51
C GLN A 238 -5.57 0.09 -4.73
N VAL A 239 -5.36 1.37 -4.45
CA VAL A 239 -4.04 1.99 -4.56
C VAL A 239 -3.53 2.36 -3.18
N LEU A 240 -2.32 1.93 -2.87
CA LEU A 240 -1.68 2.17 -1.59
C LEU A 240 -0.50 3.13 -1.76
N HIS A 241 -0.22 3.88 -0.68
CA HIS A 241 0.80 4.92 -0.64
C HIS A 241 1.98 4.59 0.28
N PRO A 242 3.05 3.93 -0.23
CA PRO A 242 4.21 3.50 0.58
C PRO A 242 5.23 4.60 0.84
N SER A 243 4.87 5.60 1.65
CA SER A 243 5.75 6.76 1.86
C SER A 243 5.81 7.19 3.32
N SER A 244 6.98 7.69 3.70
CA SER A 244 7.23 8.29 5.00
C SER A 244 6.69 9.73 5.06
N CYS A 245 6.68 10.27 6.28
CA CYS A 245 6.22 11.63 6.51
C CYS A 245 7.10 12.66 5.82
N THR A 246 8.41 12.44 5.84
CA THR A 246 9.36 13.41 5.29
C THR A 246 9.09 13.65 3.81
N PRO A 247 8.94 14.91 3.37
CA PRO A 247 8.74 15.15 1.93
C PRO A 247 10.04 14.94 1.15
N SER A 248 9.88 14.66 -0.14
CA SER A 248 11.01 14.49 -1.05
C SER A 248 12.04 13.47 -0.55
N SER A 252 12.53 9.42 -5.63
CA SER A 252 11.12 9.31 -5.99
C SER A 252 10.36 8.49 -4.97
N VAL A 253 9.06 8.75 -4.86
CA VAL A 253 8.18 8.09 -3.91
C VAL A 253 7.32 7.09 -4.68
N GLU A 254 7.36 5.83 -4.28
CA GLU A 254 6.60 4.80 -4.98
C GLU A 254 5.11 4.89 -4.65
N LEU A 255 4.28 4.49 -5.61
CA LEU A 255 2.83 4.38 -5.43
C LEU A 255 2.40 3.05 -6.06
N LEU A 256 1.69 2.20 -5.30
CA LEU A 256 1.38 0.84 -5.77
C LEU A 256 -0.12 0.62 -5.99
N CYS A 257 -0.49 0.18 -7.19
CA CYS A 257 -1.89 -0.15 -7.53
C CYS A 257 -2.03 -1.66 -7.56
N LEU A 258 -2.93 -2.18 -6.74
CA LEU A 258 -3.25 -3.60 -6.62
C LEU A 258 -4.58 -3.88 -7.30
N VAL A 259 -4.60 -4.82 -8.24
CA VAL A 259 -5.82 -5.19 -8.96
C VAL A 259 -6.05 -6.67 -8.67
N THR A 260 -7.22 -6.98 -8.11
CA THR A 260 -7.52 -8.34 -7.69
C THR A 260 -8.91 -8.81 -8.15
N GLY A 261 -9.05 -10.13 -8.16
CA GLY A 261 -10.31 -10.81 -8.43
C GLY A 261 -10.80 -10.58 -9.84
N PHE A 262 -9.90 -10.54 -10.82
CA PHE A 262 -10.30 -10.09 -12.15
C PHE A 262 -9.76 -10.93 -13.28
N SER A 263 -10.16 -10.49 -14.47
CA SER A 263 -9.78 -10.91 -15.82
C SER A 263 -9.83 -12.36 -16.23
N PRO A 264 -11.00 -12.91 -16.51
CA PRO A 264 -10.99 -14.06 -17.42
C PRO A 264 -10.39 -13.42 -18.66
N ALA A 265 -9.51 -14.15 -19.35
CA ALA A 265 -8.76 -13.56 -20.46
C ALA A 265 -7.82 -12.50 -19.87
N SER A 266 -7.97 -11.20 -20.21
CA SER A 266 -7.05 -10.18 -19.70
C SER A 266 -7.71 -8.80 -19.60
N ALA A 267 -7.00 -7.90 -18.90
CA ALA A 267 -7.38 -6.51 -18.69
C ALA A 267 -6.10 -5.71 -18.53
N GLU A 268 -6.20 -4.39 -18.65
CA GLU A 268 -5.02 -3.52 -18.58
C GLU A 268 -5.22 -2.36 -17.62
N VAL A 269 -4.09 -1.82 -17.16
CA VAL A 269 -4.05 -0.75 -16.16
C VAL A 269 -3.38 0.49 -16.73
N GLU A 270 -4.03 1.64 -16.57
CA GLU A 270 -3.54 2.95 -16.95
C GLU A 270 -3.39 3.83 -15.73
N TRP A 271 -2.37 4.67 -15.70
CA TRP A 271 -2.11 5.59 -14.59
C TRP A 271 -2.37 7.03 -15.01
N LEU A 272 -3.05 7.80 -14.16
CA LEU A 272 -3.39 9.18 -14.46
C LEU A 272 -2.99 10.09 -13.32
N VAL A 273 -2.71 11.35 -13.66
CA VAL A 273 -2.46 12.41 -12.69
C VAL A 273 -3.52 13.47 -12.91
N ASP A 274 -4.34 13.70 -11.88
CA ASP A 274 -5.42 14.68 -11.95
C ASP A 274 -6.27 14.45 -13.20
N GLY A 275 -6.50 13.19 -13.54
CA GLY A 275 -7.30 12.86 -14.69
C GLY A 275 -6.56 12.91 -16.01
N VAL A 276 -5.27 13.21 -16.02
CA VAL A 276 -4.49 13.31 -17.25
C VAL A 276 -3.62 12.08 -17.38
N GLY A 277 -3.77 11.34 -18.47
CA GLY A 277 -2.99 10.14 -18.68
C GLY A 277 -1.73 10.47 -19.48
N GLY A 278 -0.89 9.46 -19.66
CA GLY A 278 0.31 9.62 -20.44
C GLY A 278 1.49 10.19 -19.71
N LEU A 279 1.35 10.52 -18.42
CA LEU A 279 2.41 11.11 -17.63
C LEU A 279 3.14 10.10 -16.76
N LEU A 280 2.47 9.02 -16.36
CA LEU A 280 3.02 8.03 -15.46
C LEU A 280 3.17 6.69 -16.15
N VAL A 281 4.35 6.09 -15.99
CA VAL A 281 4.66 4.77 -16.52
C VAL A 281 5.02 3.91 -15.32
N ALA A 282 4.26 2.84 -15.11
CA ALA A 282 4.46 1.94 -13.98
C ALA A 282 5.10 0.63 -14.42
N SER A 283 5.85 0.04 -13.52
CA SER A 283 6.37 -1.30 -13.75
C SER A 283 5.23 -2.30 -13.73
N GLN A 284 5.27 -3.25 -14.65
CA GLN A 284 4.23 -4.27 -14.79
C GLN A 284 4.73 -5.59 -14.24
N SER A 285 3.77 -6.46 -13.93
CA SER A 285 4.04 -7.83 -13.49
C SER A 285 3.15 -8.80 -14.26
N PRO A 286 3.60 -10.04 -14.45
CA PRO A 286 2.74 -11.02 -15.10
C PRO A 286 1.61 -11.47 -14.17
N ALA A 287 0.56 -12.00 -14.79
CA ALA A 287 -0.55 -12.55 -14.03
C ALA A 287 -0.11 -13.78 -13.24
N VAL A 288 -0.57 -13.86 -12.00
CA VAL A 288 -0.41 -15.04 -11.15
C VAL A 288 -1.82 -15.60 -10.97
N ARG A 289 -2.11 -16.72 -11.62
CA ARG A 289 -3.47 -17.24 -11.64
C ARG A 289 -3.76 -18.27 -10.56
N SER A 290 -4.95 -18.16 -9.99
CA SER A 290 -5.51 -19.14 -9.08
C SER A 290 -6.20 -20.25 -9.86
N GLY A 291 -6.57 -19.94 -11.10
CA GLY A 291 -7.25 -20.82 -12.03
C GLY A 291 -8.67 -20.39 -12.29
N SER A 292 -9.29 -19.67 -11.34
CA SER A 292 -10.61 -19.10 -11.53
C SER A 292 -10.53 -17.62 -11.91
N THR A 293 -9.49 -16.94 -11.43
CA THR A 293 -9.21 -15.53 -11.65
C THR A 293 -7.74 -15.30 -11.37
N TYR A 294 -7.32 -14.05 -11.34
CA TYR A 294 -5.95 -13.73 -10.97
C TYR A 294 -5.90 -12.33 -10.39
N SER A 295 -4.74 -12.01 -9.83
CA SER A 295 -4.41 -10.68 -9.33
C SER A 295 -3.03 -10.28 -9.84
N LEU A 296 -2.80 -8.98 -9.90
CA LEU A 296 -1.49 -8.43 -10.23
C LEU A 296 -1.47 -7.00 -9.75
N SER A 297 -0.32 -6.37 -9.89
CA SER A 297 -0.16 -4.98 -9.47
C SER A 297 0.87 -4.29 -10.33
N SER A 298 0.89 -2.96 -10.19
CA SER A 298 1.87 -2.13 -10.86
C SER A 298 2.27 -1.01 -9.91
N ARG A 299 3.51 -0.55 -10.05
CA ARG A 299 4.05 0.46 -9.14
C ARG A 299 4.76 1.53 -9.95
N VAL A 300 4.51 2.79 -9.59
CA VAL A 300 5.08 3.93 -10.30
C VAL A 300 5.85 4.83 -9.34
N ASN A 301 6.94 5.39 -9.84
CA ASN A 301 7.76 6.34 -9.09
C ASN A 301 7.23 7.75 -9.36
N VAL A 302 6.59 8.35 -8.36
CA VAL A 302 6.01 9.68 -8.46
C VAL A 302 6.99 10.62 -7.78
N SER A 303 7.23 11.78 -8.39
CA SER A 303 8.21 12.71 -7.82
C SER A 303 7.82 13.14 -6.41
N GLY A 304 8.84 13.30 -5.58
CA GLY A 304 8.72 13.72 -4.20
C GLY A 304 8.33 15.17 -4.00
N THR A 305 8.29 15.96 -5.07
CA THR A 305 7.90 17.37 -5.00
C THR A 305 6.45 17.59 -5.40
N ASP A 306 5.73 16.53 -5.79
CA ASP A 306 4.32 16.62 -6.11
C ASP A 306 3.45 16.25 -4.92
N TRP A 307 3.90 15.35 -4.06
CA TRP A 307 3.10 14.95 -2.91
C TRP A 307 3.00 16.13 -1.96
N ARG A 308 1.83 16.29 -1.35
CA ARG A 308 1.47 17.33 -0.39
C ARG A 308 1.19 18.64 -1.13
N GLU A 309 1.23 18.68 -2.46
CA GLU A 309 0.87 19.86 -3.23
C GLU A 309 -0.58 19.85 -3.67
N GLY A 310 -1.33 18.80 -3.31
CA GLY A 310 -2.73 18.67 -3.67
C GLY A 310 -2.98 17.88 -4.94
N LYS A 311 -1.95 17.30 -5.54
CA LYS A 311 -2.14 16.53 -6.76
C LYS A 311 -2.92 15.25 -6.47
N SER A 312 -3.90 14.95 -7.31
CA SER A 312 -4.69 13.74 -7.19
C SER A 312 -4.17 12.74 -8.21
N TYR A 313 -3.89 11.53 -7.75
CA TYR A 313 -3.36 10.46 -8.59
C TYR A 313 -4.41 9.36 -8.67
N SER A 314 -4.46 8.65 -9.80
CA SER A 314 -5.43 7.59 -9.90
C SER A 314 -4.93 6.45 -10.77
N CYS A 315 -5.53 5.29 -10.53
CA CYS A 315 -5.25 4.06 -11.24
C CYS A 315 -6.55 3.62 -11.87
N ARG A 316 -6.59 3.60 -13.20
CA ARG A 316 -7.75 3.25 -13.99
C ARG A 316 -7.52 1.88 -14.61
N VAL A 317 -8.36 0.92 -14.29
CA VAL A 317 -8.21 -0.46 -14.73
C VAL A 317 -9.39 -0.74 -15.64
N ARG A 318 -9.10 -1.16 -16.87
CA ARG A 318 -10.14 -1.38 -17.87
C ARG A 318 -10.07 -2.82 -18.35
N HIS A 319 -11.21 -3.50 -18.29
CA HIS A 319 -11.38 -4.90 -18.66
C HIS A 319 -12.16 -5.02 -19.97
N PRO A 320 -11.48 -5.33 -21.11
CA PRO A 320 -12.21 -5.48 -22.38
C PRO A 320 -13.40 -6.41 -22.28
N ALA A 321 -13.21 -7.59 -21.70
CA ALA A 321 -14.32 -8.49 -21.52
C ALA A 321 -15.20 -7.87 -20.44
N THR A 322 -16.51 -8.00 -20.61
CA THR A 322 -17.52 -7.41 -19.74
C THR A 322 -17.62 -5.91 -19.99
N ASN A 323 -16.75 -5.33 -20.82
CA ASN A 323 -16.77 -3.91 -21.15
C ASN A 323 -16.84 -3.04 -19.89
N THR A 324 -15.99 -3.34 -18.91
CA THR A 324 -16.08 -2.63 -17.64
C THR A 324 -14.77 -1.99 -17.23
N VAL A 325 -14.86 -0.72 -16.80
CA VAL A 325 -13.71 0.04 -16.32
C VAL A 325 -13.99 0.48 -14.89
N VAL A 326 -12.99 0.31 -14.01
CA VAL A 326 -13.05 0.68 -12.61
C VAL A 326 -11.82 1.54 -12.35
N GLU A 327 -11.85 2.33 -11.29
CA GLU A 327 -10.69 3.14 -10.97
C GLU A 327 -10.63 3.43 -9.48
N ASP A 328 -9.43 3.79 -9.04
CA ASP A 328 -9.18 4.23 -7.66
C ASP A 328 -8.44 5.55 -7.68
N HIS A 329 -8.64 6.32 -6.62
CA HIS A 329 -8.10 7.68 -6.50
C HIS A 329 -7.42 7.89 -5.16
N VAL A 330 -6.21 8.47 -5.19
CA VAL A 330 -5.44 8.75 -3.99
C VAL A 330 -4.99 10.19 -4.03
N LYS A 331 -4.66 10.72 -2.85
CA LYS A 331 -4.20 12.08 -2.68
C LYS A 331 -3.19 12.12 -1.54
N GLY A 332 -2.32 13.13 -1.55
CA GLY A 332 -1.44 13.38 -0.43
C GLY A 332 -2.12 14.30 0.58
N CYS A 333 -1.39 14.61 1.65
CA CYS A 333 -1.91 15.43 2.74
C CYS A 333 -1.05 16.69 2.92
N PRO A 334 -1.42 17.82 2.28
CA PRO A 334 -0.66 19.09 2.38
C PRO A 334 -0.18 19.46 3.79
N GLU B 1 1.27 18.01 -25.84
CA GLU B 1 0.38 19.12 -26.31
C GLU B 1 -1.06 18.57 -26.33
N VAL B 2 -2.03 19.40 -26.69
CA VAL B 2 -3.45 19.06 -26.69
C VAL B 2 -4.15 19.46 -27.98
N GLN B 3 -3.48 19.32 -29.14
CA GLN B 3 -4.05 19.83 -30.39
C GLN B 3 -4.49 18.71 -31.32
N LEU B 4 -5.82 18.49 -31.34
CA LEU B 4 -6.50 17.44 -32.09
C LEU B 4 -7.28 18.10 -33.21
N GLN B 5 -6.87 17.87 -34.46
CA GLN B 5 -7.45 18.53 -35.63
C GLN B 5 -8.24 17.55 -36.50
N GLU B 6 -9.53 17.83 -36.63
CA GLU B 6 -10.47 17.02 -37.41
C GLU B 6 -10.41 17.37 -38.90
N SER B 7 -10.51 16.35 -39.75
CA SER B 7 -10.59 16.55 -41.19
C SER B 7 -11.49 15.49 -41.81
N GLY B 8 -12.22 15.88 -42.86
CA GLY B 8 -13.10 14.97 -43.55
C GLY B 8 -13.65 15.49 -44.87
N PRO B 9 -14.48 14.68 -45.54
CA PRO B 9 -14.98 15.07 -46.87
C PRO B 9 -15.95 16.23 -46.90
N SER B 10 -16.56 16.57 -45.76
CA SER B 10 -17.57 17.65 -45.64
C SER B 10 -18.90 17.28 -46.31
N LEU B 11 -18.89 16.79 -47.55
CA LEU B 11 -20.10 16.37 -48.25
C LEU B 11 -19.87 15.04 -48.93
N VAL B 12 -20.76 14.08 -48.68
CA VAL B 12 -20.70 12.76 -49.32
C VAL B 12 -22.08 12.42 -49.86
N LYS B 13 -22.13 11.41 -50.76
CA LYS B 13 -23.38 10.89 -51.30
C LYS B 13 -23.87 9.71 -50.47
N PRO B 14 -25.17 9.40 -50.51
CA PRO B 14 -25.71 8.29 -49.71
C PRO B 14 -25.00 6.95 -49.82
N SER B 15 -24.45 6.58 -50.98
CA SER B 15 -23.79 5.28 -51.13
C SER B 15 -22.27 5.33 -51.06
N GLN B 16 -21.67 6.50 -50.96
CA GLN B 16 -20.21 6.58 -51.00
C GLN B 16 -19.59 6.28 -49.65
N THR B 17 -18.35 5.80 -49.68
CA THR B 17 -17.62 5.54 -48.46
C THR B 17 -17.34 6.84 -47.72
N LEU B 18 -17.65 6.88 -46.43
CA LEU B 18 -17.35 8.02 -45.59
C LEU B 18 -16.10 7.70 -44.78
N SER B 19 -15.09 8.57 -44.90
CA SER B 19 -13.82 8.40 -44.22
C SER B 19 -13.37 9.72 -43.62
N LEU B 20 -13.09 9.70 -42.32
CA LEU B 20 -12.66 10.89 -41.58
C LEU B 20 -11.33 10.62 -40.90
N THR B 21 -10.53 11.68 -40.72
CA THR B 21 -9.22 11.57 -40.08
C THR B 21 -9.07 12.59 -38.97
N CYS B 22 -8.30 12.21 -37.94
CA CYS B 22 -7.92 13.10 -36.85
C CYS B 22 -6.41 13.11 -36.70
N SER B 23 -5.85 14.32 -36.71
CA SER B 23 -4.44 14.57 -36.49
C SER B 23 -4.26 14.89 -35.02
N VAL B 24 -3.49 14.09 -34.30
CA VAL B 24 -3.34 14.27 -32.85
C VAL B 24 -1.92 14.73 -32.60
N THR B 25 -1.78 15.96 -32.09
CA THR B 25 -0.51 16.57 -31.76
C THR B 25 -0.43 16.68 -30.25
N GLY B 26 0.64 16.14 -29.69
CA GLY B 26 0.91 16.15 -28.27
C GLY B 26 0.80 14.76 -27.68
N ALA B 27 1.74 14.44 -26.78
CA ALA B 27 1.86 13.10 -26.19
C ALA B 27 2.12 12.16 -27.37
N SER B 28 1.56 10.96 -27.36
CA SER B 28 1.65 10.05 -28.50
C SER B 28 0.32 9.34 -28.67
N ILE B 29 0.03 8.94 -29.92
CA ILE B 29 -1.11 8.07 -30.15
C ILE B 29 -0.88 6.76 -29.41
N THR B 30 0.37 6.30 -29.38
CA THR B 30 0.75 5.09 -28.65
C THR B 30 0.35 5.15 -27.18
N SER B 31 0.16 6.34 -26.59
CA SER B 31 -0.34 6.38 -25.22
C SER B 31 -1.68 5.65 -25.06
N GLY B 32 -2.41 5.46 -26.17
CA GLY B 32 -3.68 4.76 -26.20
C GLY B 32 -4.85 5.54 -25.65
N TYR B 33 -5.92 4.79 -25.40
CA TYR B 33 -7.16 5.34 -24.86
C TYR B 33 -7.71 6.50 -25.70
N TRP B 34 -7.65 6.32 -27.01
CA TRP B 34 -8.16 7.29 -27.97
C TRP B 34 -9.53 6.80 -28.43
N ASN B 35 -10.48 7.73 -28.61
CA ASN B 35 -11.83 7.38 -29.05
C ASN B 35 -12.29 8.23 -30.22
N TRP B 36 -13.53 7.95 -30.65
CA TRP B 36 -14.20 8.65 -31.74
C TRP B 36 -15.67 8.75 -31.38
N ILE B 37 -16.22 9.97 -31.30
CA ILE B 37 -17.60 10.18 -30.87
C ILE B 37 -18.32 11.11 -31.85
N ARG B 38 -19.66 11.10 -31.80
CA ARG B 38 -20.42 12.02 -32.64
C ARG B 38 -21.64 12.61 -31.94
N LYS B 39 -21.97 13.84 -32.30
CA LYS B 39 -23.12 14.58 -31.80
C LYS B 39 -24.10 14.86 -32.92
N PHE B 40 -25.35 14.48 -32.72
CA PHE B 40 -26.38 14.58 -33.75
C PHE B 40 -26.83 16.02 -33.91
N PRO B 41 -27.66 16.32 -34.92
CA PRO B 41 -28.22 17.68 -35.06
C PRO B 41 -28.99 18.14 -33.84
N GLY B 42 -29.45 17.23 -33.01
CA GLY B 42 -30.12 17.56 -31.78
C GLY B 42 -29.00 17.64 -30.77
N ASN B 43 -29.32 17.57 -29.48
CA ASN B 43 -28.27 17.68 -28.49
C ASN B 43 -27.86 16.32 -27.91
N ARG B 44 -28.25 15.22 -28.54
CA ARG B 44 -27.84 13.91 -28.13
C ARG B 44 -26.53 13.57 -28.83
N LEU B 45 -25.69 12.77 -28.18
CA LEU B 45 -24.44 12.33 -28.80
C LEU B 45 -24.20 10.88 -28.38
N GLU B 46 -23.38 10.17 -29.15
CA GLU B 46 -23.06 8.79 -28.84
C GLU B 46 -21.60 8.47 -29.08
N TYR B 47 -21.15 7.43 -28.37
CA TYR B 47 -19.80 6.91 -28.47
C TYR B 47 -19.73 5.99 -29.68
N MET B 48 -18.64 6.09 -30.45
CA MET B 48 -18.52 5.22 -31.63
C MET B 48 -17.08 4.78 -31.95
N GLY B 49 -16.33 4.32 -30.96
CA GLY B 49 -14.98 3.81 -31.23
C GLY B 49 -13.86 4.05 -30.25
N TYR B 50 -12.96 3.07 -30.18
CA TYR B 50 -11.78 3.08 -29.32
C TYR B 50 -10.59 2.38 -29.96
N ILE B 51 -9.41 2.96 -29.78
CA ILE B 51 -8.16 2.33 -30.17
C ILE B 51 -7.25 2.28 -28.96
N SER B 52 -6.75 1.08 -28.68
CA SER B 52 -5.81 0.80 -27.62
C SER B 52 -4.37 1.06 -28.05
N TYR B 53 -3.51 1.26 -27.06
CA TYR B 53 -2.09 1.43 -27.34
C TYR B 53 -1.51 0.20 -28.02
N SER B 54 -2.13 -0.96 -27.81
CA SER B 54 -1.71 -2.24 -28.36
C SER B 54 -2.16 -2.44 -29.80
N GLY B 55 -3.07 -1.61 -30.29
CA GLY B 55 -3.68 -1.77 -31.59
C GLY B 55 -5.06 -2.39 -31.51
N GLY B 56 -5.45 -2.90 -30.35
CA GLY B 56 -6.77 -3.47 -30.20
C GLY B 56 -7.81 -2.37 -30.25
N THR B 57 -9.01 -2.72 -30.69
CA THR B 57 -10.08 -1.75 -30.81
C THR B 57 -11.37 -2.29 -30.19
N TYR B 58 -12.33 -1.38 -30.05
CA TYR B 58 -13.66 -1.67 -29.57
C TYR B 58 -14.66 -0.92 -30.43
N TYR B 59 -15.77 -1.58 -30.78
CA TYR B 59 -16.82 -1.00 -31.59
C TYR B 59 -18.14 -0.98 -30.84
N ASN B 60 -18.89 0.09 -31.01
CA ASN B 60 -20.14 0.28 -30.29
C ASN B 60 -21.28 -0.51 -30.93
N PRO B 61 -22.17 -1.12 -30.12
CA PRO B 61 -23.32 -1.81 -30.70
C PRO B 61 -24.14 -0.87 -31.59
N SER B 62 -24.70 -1.44 -32.66
CA SER B 62 -25.49 -0.81 -33.72
C SER B 62 -24.62 -0.32 -34.86
N LEU B 63 -23.28 -0.29 -34.72
CA LEU B 63 -22.36 0.07 -35.78
C LEU B 63 -21.44 -1.10 -36.08
N LYS B 64 -21.96 -2.30 -35.86
CA LYS B 64 -21.22 -3.55 -36.02
C LYS B 64 -20.72 -3.75 -37.45
N SER B 65 -19.43 -4.09 -37.56
CA SER B 65 -18.75 -4.32 -38.85
C SER B 65 -18.73 -3.10 -39.75
N ARG B 66 -18.94 -1.90 -39.21
CA ARG B 66 -18.89 -0.66 -39.97
C ARG B 66 -17.76 0.27 -39.58
N ILE B 67 -17.51 0.49 -38.28
CA ILE B 67 -16.60 1.55 -37.86
C ILE B 67 -15.18 1.33 -38.36
N SER B 68 -14.62 0.14 -38.17
CA SER B 68 -13.27 -0.21 -38.64
C SER B 68 -12.23 0.88 -38.35
N ILE B 69 -12.25 1.37 -37.11
CA ILE B 69 -11.38 2.48 -36.70
C ILE B 69 -9.93 2.02 -36.76
N THR B 70 -9.07 2.84 -37.35
CA THR B 70 -7.67 2.48 -37.61
C THR B 70 -6.76 3.64 -37.21
N ARG B 71 -5.50 3.31 -36.94
CA ARG B 71 -4.47 4.27 -36.58
C ARG B 71 -3.22 4.09 -37.45
N ASP B 72 -2.46 5.19 -37.58
CA ASP B 72 -1.19 5.20 -38.29
C ASP B 72 -0.12 5.78 -37.34
N THR B 73 0.75 4.88 -36.87
CA THR B 73 1.77 5.17 -35.85
C THR B 73 2.78 6.22 -36.31
N SER B 74 3.24 6.13 -37.56
CA SER B 74 4.26 7.06 -38.03
C SER B 74 3.68 8.43 -38.31
N LYS B 75 2.41 8.48 -38.69
CA LYS B 75 1.75 9.74 -38.97
C LYS B 75 1.16 10.36 -37.72
N ASN B 76 0.97 9.57 -36.64
CA ASN B 76 0.28 10.06 -35.46
C ASN B 76 -1.11 10.50 -35.86
N GLN B 77 -1.75 9.66 -36.68
CA GLN B 77 -3.10 9.94 -37.18
C GLN B 77 -4.02 8.77 -36.91
N TYR B 78 -5.30 9.11 -36.75
CA TYR B 78 -6.35 8.14 -36.56
C TYR B 78 -7.42 8.39 -37.61
N TYR B 79 -8.13 7.34 -38.03
CA TYR B 79 -9.17 7.58 -39.00
C TYR B 79 -10.27 6.52 -38.94
N LEU B 80 -11.46 6.97 -39.31
CA LEU B 80 -12.71 6.24 -39.35
C LEU B 80 -13.13 5.96 -40.78
N GLN B 81 -13.72 4.79 -41.00
CA GLN B 81 -14.43 4.44 -42.22
C GLN B 81 -15.77 3.85 -41.80
N LEU B 82 -16.89 4.33 -42.36
CA LEU B 82 -18.20 3.75 -42.06
C LEU B 82 -18.82 2.97 -43.22
N ASN B 83 -18.08 2.66 -44.27
CA ASN B 83 -18.66 2.02 -45.47
C ASN B 83 -19.72 3.02 -45.98
N SER B 84 -20.89 2.57 -46.43
CA SER B 84 -21.88 3.50 -46.93
C SER B 84 -22.32 4.44 -45.82
N VAL B 85 -22.52 5.71 -46.16
CA VAL B 85 -22.92 6.71 -45.18
C VAL B 85 -24.35 6.48 -44.69
N THR B 86 -25.25 6.03 -45.56
CA THR B 86 -26.64 5.69 -45.28
C THR B 86 -27.56 6.89 -45.05
N THR B 87 -27.07 8.12 -45.09
CA THR B 87 -27.78 9.40 -44.96
C THR B 87 -28.20 9.75 -43.55
N GLU B 88 -28.14 8.84 -42.60
CA GLU B 88 -28.50 9.15 -41.23
C GLU B 88 -27.30 9.68 -40.44
N ASP B 89 -26.10 9.33 -40.87
CA ASP B 89 -24.87 9.65 -40.16
C ASP B 89 -24.36 11.05 -40.48
N THR B 90 -25.14 12.06 -40.09
CA THR B 90 -24.85 13.47 -40.41
C THR B 90 -24.34 14.24 -39.20
N ALA B 91 -24.10 13.56 -38.08
CA ALA B 91 -23.63 14.14 -36.84
C ALA B 91 -22.24 14.77 -36.96
N THR B 92 -21.96 15.71 -36.05
CA THR B 92 -20.65 16.31 -35.96
C THR B 92 -19.75 15.27 -35.32
N TYR B 93 -18.61 14.98 -35.94
CA TYR B 93 -17.67 13.99 -35.42
C TYR B 93 -16.57 14.70 -34.64
N TYR B 94 -16.23 14.15 -33.46
CA TYR B 94 -15.19 14.67 -32.59
C TYR B 94 -14.21 13.57 -32.20
N CYS B 95 -12.96 14.02 -31.99
CA CYS B 95 -11.78 13.27 -31.57
C CYS B 95 -11.51 13.69 -30.12
N ALA B 96 -11.77 12.80 -29.12
CA ALA B 96 -11.70 13.25 -27.71
C ALA B 96 -10.72 12.59 -26.74
N ARG B 97 -10.02 11.50 -27.08
CA ARG B 97 -9.07 10.82 -26.18
C ARG B 97 -9.61 10.54 -24.77
N ASP B 98 -10.74 9.85 -24.68
CA ASP B 98 -11.30 9.40 -23.39
C ASP B 98 -11.45 10.51 -22.36
N PHE B 99 -12.12 11.59 -22.75
CA PHE B 99 -12.42 12.77 -21.94
C PHE B 99 -11.20 13.61 -21.60
N ASP B 100 -10.00 13.30 -22.10
CA ASP B 100 -8.85 14.11 -21.70
C ASP B 100 -8.68 15.34 -22.57
N VAL B 101 -8.70 15.17 -23.89
CA VAL B 101 -8.47 16.27 -24.83
C VAL B 101 -9.51 16.18 -25.93
N TRP B 102 -10.46 17.11 -25.94
CA TRP B 102 -11.42 17.20 -27.03
C TRP B 102 -10.86 18.15 -28.07
N GLY B 103 -10.80 17.70 -29.31
CA GLY B 103 -10.31 18.50 -30.41
C GLY B 103 -11.42 19.16 -31.19
N ALA B 104 -11.08 19.59 -32.38
CA ALA B 104 -12.04 20.20 -33.29
C ALA B 104 -12.95 19.10 -33.79
N GLY B 105 -14.16 19.45 -34.21
CA GLY B 105 -15.04 18.50 -34.85
C GLY B 105 -15.61 19.09 -36.12
N THR B 106 -16.29 18.22 -36.87
CA THR B 106 -16.91 18.70 -38.10
C THR B 106 -18.08 17.79 -38.50
N THR B 107 -19.01 18.36 -39.24
CA THR B 107 -20.15 17.61 -39.77
C THR B 107 -19.89 17.20 -41.20
N VAL B 108 -20.62 16.19 -41.63
CA VAL B 108 -20.64 15.79 -43.02
C VAL B 108 -22.11 15.71 -43.44
N THR B 109 -22.47 16.47 -44.46
CA THR B 109 -23.82 16.47 -44.99
C THR B 109 -23.96 15.34 -46.00
N VAL B 110 -25.12 14.68 -45.99
CA VAL B 110 -25.43 13.64 -46.97
C VAL B 110 -26.65 14.10 -47.74
N SER B 111 -26.52 14.18 -49.07
CA SER B 111 -27.58 14.65 -49.92
C SER B 111 -27.35 14.14 -51.33
N SER B 112 -28.39 14.21 -52.14
CA SER B 112 -28.31 13.80 -53.53
C SER B 112 -29.46 14.41 -54.32
N ILE C 2 -26.28 1.80 -21.04
CA ILE C 2 -26.63 2.75 -20.00
C ILE C 2 -27.69 3.69 -20.59
N VAL C 3 -28.59 4.15 -19.74
CA VAL C 3 -29.62 5.13 -20.08
C VAL C 3 -29.42 6.36 -19.20
N MET C 4 -29.23 7.52 -19.83
CA MET C 4 -29.01 8.78 -19.14
C MET C 4 -30.02 9.81 -19.60
N THR C 5 -30.40 10.70 -18.68
CA THR C 5 -31.29 11.78 -18.98
C THR C 5 -31.04 12.95 -18.04
N GLN C 6 -31.38 14.15 -18.49
CA GLN C 6 -31.32 15.34 -17.66
C GLN C 6 -32.72 15.59 -17.11
N SER C 7 -32.81 16.15 -15.91
CA SER C 7 -34.12 16.46 -15.38
C SER C 7 -34.71 17.70 -16.02
N GLN C 8 -33.88 18.56 -16.61
CA GLN C 8 -34.32 19.81 -17.20
C GLN C 8 -33.42 20.14 -18.38
N LYS C 9 -34.03 20.45 -19.53
CA LYS C 9 -33.26 20.76 -20.73
C LYS C 9 -32.55 22.10 -20.66
N PHE C 10 -33.10 23.09 -19.95
CA PHE C 10 -32.44 24.40 -19.89
C PHE C 10 -32.76 25.09 -18.57
N MET C 11 -31.90 26.05 -18.21
CA MET C 11 -32.03 26.81 -16.99
C MET C 11 -31.51 28.22 -17.25
N SER C 12 -31.93 29.16 -16.41
CA SER C 12 -31.42 30.52 -16.50
C SER C 12 -31.15 31.07 -15.11
N THR C 13 -30.05 31.84 -14.99
CA THR C 13 -29.64 32.40 -13.72
C THR C 13 -28.82 33.66 -13.96
N SER C 14 -28.93 34.62 -13.04
CA SER C 14 -28.17 35.85 -13.13
C SER C 14 -26.72 35.65 -12.71
N VAL C 15 -25.88 36.62 -13.09
CA VAL C 15 -24.45 36.57 -12.82
C VAL C 15 -24.17 36.72 -11.33
N GLY C 16 -23.33 35.85 -10.79
CA GLY C 16 -22.96 35.85 -9.40
C GLY C 16 -23.71 34.87 -8.53
N ASP C 17 -24.82 34.32 -9.01
CA ASP C 17 -25.61 33.38 -8.22
C ASP C 17 -25.12 31.95 -8.51
N ARG C 18 -25.74 30.98 -7.85
CA ARG C 18 -25.41 29.57 -8.03
C ARG C 18 -26.41 28.91 -8.97
N VAL C 19 -25.91 27.96 -9.75
CA VAL C 19 -26.73 27.15 -10.64
C VAL C 19 -26.45 25.68 -10.38
N SER C 20 -27.41 24.84 -10.77
CA SER C 20 -27.18 23.41 -10.68
C SER C 20 -27.93 22.66 -11.76
N VAL C 21 -27.37 21.49 -12.10
CA VAL C 21 -27.92 20.55 -13.08
C VAL C 21 -28.05 19.18 -12.41
N THR C 22 -29.21 18.56 -12.54
CA THR C 22 -29.43 17.22 -11.99
C THR C 22 -29.37 16.19 -13.11
N CYS C 23 -28.42 15.26 -13.02
CA CYS C 23 -28.21 14.18 -13.98
C CYS C 23 -28.76 12.88 -13.40
N LYS C 24 -29.66 12.23 -14.15
CA LYS C 24 -30.27 10.98 -13.71
C LYS C 24 -29.93 9.90 -14.72
N ALA C 25 -29.82 8.66 -14.22
CA ALA C 25 -29.57 7.52 -15.09
C ALA C 25 -30.19 6.27 -14.52
N SER C 26 -30.44 5.31 -15.40
CA SER C 26 -30.90 4.00 -14.99
C SER C 26 -29.65 3.18 -14.66
N GLN C 27 -29.84 1.96 -14.15
CA GLN C 27 -28.70 1.11 -13.81
C GLN C 27 -27.93 1.78 -12.66
N ASN C 28 -26.81 1.19 -12.25
CA ASN C 28 -25.98 1.75 -11.19
C ASN C 28 -24.55 1.78 -11.69
N VAL C 29 -24.02 3.00 -11.82
CA VAL C 29 -22.73 3.26 -12.43
C VAL C 29 -21.69 3.71 -11.41
N GLY C 30 -21.98 3.55 -10.12
CA GLY C 30 -21.03 3.99 -9.09
C GLY C 30 -20.75 5.47 -9.18
N THR C 31 -19.47 5.82 -9.29
CA THR C 31 -19.03 7.21 -9.39
C THR C 31 -18.31 7.50 -10.70
N ASN C 32 -18.41 6.62 -11.69
CA ASN C 32 -17.67 6.75 -12.95
C ASN C 32 -18.37 7.74 -13.88
N VAL C 33 -18.33 9.02 -13.48
CA VAL C 33 -19.01 10.10 -14.17
C VAL C 33 -18.03 11.25 -14.38
N GLY C 34 -18.45 12.20 -15.22
CA GLY C 34 -17.71 13.44 -15.37
C GLY C 34 -18.63 14.46 -16.00
N TRP C 35 -18.13 15.70 -16.11
CA TRP C 35 -18.94 16.80 -16.63
C TRP C 35 -18.27 17.41 -17.85
N PHE C 36 -19.08 18.01 -18.72
CA PHE C 36 -18.53 18.57 -19.93
C PHE C 36 -19.11 19.93 -20.25
N GLN C 37 -18.23 20.86 -20.60
CA GLN C 37 -18.57 22.24 -20.91
C GLN C 37 -18.64 22.40 -22.43
N GLN C 38 -19.83 22.72 -22.92
CA GLN C 38 -20.03 22.99 -24.34
C GLN C 38 -19.68 24.45 -24.60
N LYS C 39 -18.86 24.71 -25.62
CA LYS C 39 -18.48 26.08 -25.99
C LYS C 39 -18.77 26.34 -27.45
N PRO C 40 -19.99 26.81 -27.79
CA PRO C 40 -20.35 26.97 -29.21
C PRO C 40 -19.34 27.84 -29.94
N GLY C 41 -18.93 27.39 -31.12
CA GLY C 41 -17.97 28.11 -31.92
C GLY C 41 -16.54 27.84 -31.52
N GLN C 42 -16.32 27.04 -30.49
CA GLN C 42 -15.02 26.70 -29.93
C GLN C 42 -14.99 25.19 -29.80
N SER C 43 -13.80 24.60 -29.70
CA SER C 43 -13.78 23.18 -29.42
C SER C 43 -14.37 22.96 -28.02
N PRO C 44 -15.36 22.09 -27.87
CA PRO C 44 -15.91 21.83 -26.53
C PRO C 44 -14.85 21.22 -25.61
N LYS C 45 -14.95 21.50 -24.29
CA LYS C 45 -13.95 21.00 -23.35
C LYS C 45 -14.58 20.35 -22.11
N SER C 46 -13.89 19.33 -21.60
CA SER C 46 -14.27 18.54 -20.43
C SER C 46 -13.84 19.15 -19.10
N LEU C 47 -14.48 18.65 -18.03
CA LEU C 47 -14.14 18.99 -16.66
C LEU C 47 -14.58 17.81 -15.81
N ILE C 48 -14.33 17.91 -14.49
CA ILE C 48 -14.57 16.82 -13.53
C ILE C 48 -14.28 15.48 -14.18
N TYR C 49 -13.15 15.41 -14.92
CA TYR C 49 -12.77 14.22 -15.67
C TYR C 49 -12.76 13.00 -14.77
N SER C 50 -12.15 13.13 -13.60
CA SER C 50 -12.13 12.03 -12.67
C SER C 50 -13.53 11.80 -12.11
N ALA C 51 -13.64 10.81 -11.24
CA ALA C 51 -14.93 10.39 -10.70
C ALA C 51 -15.35 11.36 -9.61
N SER C 52 -15.96 12.48 -10.01
CA SER C 52 -16.50 13.44 -9.05
C SER C 52 -15.38 14.20 -8.34
N TYR C 53 -14.19 14.23 -8.93
CA TYR C 53 -13.03 14.96 -8.42
C TYR C 53 -12.57 15.90 -9.51
N ARG C 54 -11.82 16.92 -9.11
CA ARG C 54 -11.51 17.99 -10.04
C ARG C 54 -10.51 17.52 -11.10
N TYR C 55 -10.39 18.32 -12.14
CA TYR C 55 -9.53 18.04 -13.27
C TYR C 55 -8.58 19.22 -13.36
N SER C 56 -7.43 19.04 -14.01
CA SER C 56 -6.41 20.10 -14.01
C SER C 56 -6.95 21.36 -14.65
N GLY C 57 -6.61 22.52 -14.08
CA GLY C 57 -7.02 23.80 -14.62
C GLY C 57 -8.42 24.26 -14.25
N VAL C 58 -9.33 23.35 -13.93
CA VAL C 58 -10.74 23.64 -13.69
C VAL C 58 -10.95 24.76 -12.67
N PRO C 59 -11.79 25.76 -12.95
CA PRO C 59 -12.07 26.78 -11.93
C PRO C 59 -12.64 26.16 -10.66
N ASP C 60 -12.30 26.78 -9.53
CA ASP C 60 -12.66 26.29 -8.21
C ASP C 60 -14.13 26.52 -7.86
N ARG C 61 -14.88 27.11 -8.77
CA ARG C 61 -16.32 27.34 -8.59
C ARG C 61 -17.11 26.04 -8.49
N PHE C 62 -16.61 24.94 -9.06
CA PHE C 62 -17.36 23.69 -9.09
C PHE C 62 -16.56 22.40 -9.01
N THR C 63 -17.05 21.51 -8.14
CA THR C 63 -16.54 20.15 -7.93
C THR C 63 -17.69 19.17 -8.08
N GLY C 64 -17.36 17.90 -8.32
CA GLY C 64 -18.38 16.89 -8.53
C GLY C 64 -19.16 16.56 -7.28
N SER C 65 -20.36 16.00 -7.48
CA SER C 65 -21.22 15.62 -6.38
C SER C 65 -22.24 14.57 -6.84
N GLY C 66 -22.60 13.68 -5.93
CA GLY C 66 -23.63 12.68 -6.17
C GLY C 66 -23.04 11.30 -6.34
N SER C 67 -23.93 10.31 -6.40
CA SER C 67 -23.45 8.93 -6.50
C SER C 67 -24.53 7.97 -6.99
N GLY C 68 -24.04 6.87 -7.57
CA GLY C 68 -24.83 5.70 -7.91
C GLY C 68 -25.71 5.89 -9.12
N THR C 69 -26.84 6.55 -8.87
CA THR C 69 -27.88 6.80 -9.85
C THR C 69 -28.18 8.27 -10.04
N ASP C 70 -27.77 9.13 -9.10
CA ASP C 70 -28.15 10.54 -9.12
C ASP C 70 -26.92 11.39 -8.89
N PHE C 71 -26.59 12.20 -9.89
CA PHE C 71 -25.38 13.01 -9.86
C PHE C 71 -25.81 14.45 -10.09
N THR C 72 -25.07 15.39 -9.53
CA THR C 72 -25.40 16.80 -9.75
C THR C 72 -24.16 17.60 -10.04
N LEU C 73 -24.41 18.69 -10.74
CA LEU C 73 -23.47 19.77 -10.99
C LEU C 73 -23.97 21.00 -10.23
N THR C 74 -23.08 21.66 -9.49
CA THR C 74 -23.43 22.84 -8.71
C THR C 74 -22.34 23.89 -8.88
N ILE C 75 -22.56 24.87 -9.74
CA ILE C 75 -21.55 25.89 -10.02
C ILE C 75 -22.00 27.18 -9.34
N SER C 76 -21.24 27.60 -8.34
CA SER C 76 -21.56 28.82 -7.62
C SER C 76 -20.87 29.99 -8.31
N ASN C 77 -21.34 31.20 -8.02
CA ASN C 77 -20.70 32.44 -8.51
C ASN C 77 -20.42 32.41 -10.01
N VAL C 78 -21.46 32.16 -10.81
CA VAL C 78 -21.25 32.07 -12.26
C VAL C 78 -20.72 33.41 -12.77
N GLN C 79 -19.66 33.35 -13.57
CA GLN C 79 -18.98 34.53 -14.09
C GLN C 79 -18.54 34.34 -15.53
N SER C 80 -18.34 35.48 -16.19
CA SER C 80 -17.85 35.59 -17.58
C SER C 80 -18.85 34.96 -18.56
N GLU C 81 -18.41 34.10 -19.47
CA GLU C 81 -19.27 33.50 -20.50
C GLU C 81 -19.35 31.99 -20.34
N ASP C 82 -20.26 31.55 -19.48
CA ASP C 82 -20.49 30.14 -19.17
C ASP C 82 -21.93 29.75 -19.50
N LEU C 83 -22.60 30.56 -20.34
CA LEU C 83 -24.00 30.40 -20.72
C LEU C 83 -24.12 29.40 -21.87
N ALA C 84 -23.88 28.13 -21.56
CA ALA C 84 -23.84 27.11 -22.60
C ALA C 84 -24.31 25.79 -22.01
N GLU C 85 -24.33 24.77 -22.87
CA GLU C 85 -24.78 23.45 -22.44
C GLU C 85 -23.75 22.74 -21.57
N TYR C 86 -24.24 22.11 -20.50
CA TYR C 86 -23.44 21.24 -19.64
C TYR C 86 -23.92 19.81 -19.82
N PHE C 87 -23.00 18.93 -20.20
CA PHE C 87 -23.30 17.52 -20.47
C PHE C 87 -22.79 16.64 -19.34
N CYS C 88 -23.55 15.61 -19.03
CA CYS C 88 -23.19 14.62 -18.01
C CYS C 88 -22.71 13.40 -18.77
N HIS C 89 -21.51 12.90 -18.45
CA HIS C 89 -20.96 11.74 -19.16
C HIS C 89 -20.78 10.61 -18.17
N GLN C 90 -21.13 9.38 -18.60
CA GLN C 90 -20.96 8.15 -17.81
C GLN C 90 -20.14 7.12 -18.57
N TYR C 91 -19.07 6.63 -17.95
CA TYR C 91 -18.14 5.67 -18.54
C TYR C 91 -18.08 4.34 -17.80
N TYR C 92 -18.96 4.10 -16.81
CA TYR C 92 -18.92 2.86 -16.04
C TYR C 92 -18.95 1.63 -16.95
N SER C 93 -19.89 1.59 -17.89
CA SER C 93 -19.97 0.48 -18.83
C SER C 93 -19.24 0.99 -20.05
N TYR C 94 -18.43 0.15 -20.66
CA TYR C 94 -17.66 0.69 -21.76
C TYR C 94 -18.47 1.12 -22.97
N PRO C 95 -19.67 0.57 -23.30
CA PRO C 95 -20.45 1.20 -24.38
C PRO C 95 -21.00 2.51 -23.85
N LEU C 96 -20.06 3.45 -23.87
CA LEU C 96 -20.19 4.71 -23.15
C LEU C 96 -21.39 5.51 -23.64
N THR C 97 -22.12 6.06 -22.67
CA THR C 97 -23.36 6.77 -22.92
C THR C 97 -23.26 8.21 -22.45
N PHE C 98 -23.75 9.12 -23.27
CA PHE C 98 -23.80 10.54 -22.97
C PHE C 98 -25.25 10.94 -22.83
N GLY C 99 -25.53 11.87 -21.92
CA GLY C 99 -26.86 12.44 -21.81
C GLY C 99 -26.95 13.72 -22.61
N SER C 100 -28.13 14.34 -22.55
CA SER C 100 -28.29 15.61 -23.23
C SER C 100 -27.68 16.70 -22.36
N GLY C 101 -27.50 17.89 -22.93
CA GLY C 101 -26.94 18.99 -22.18
C GLY C 101 -28.01 19.90 -21.61
N THR C 102 -27.63 20.66 -20.58
CA THR C 102 -28.49 21.66 -19.96
C THR C 102 -27.94 23.05 -20.28
N LYS C 103 -28.75 23.88 -20.94
CA LYS C 103 -28.34 25.19 -21.39
C LYS C 103 -28.57 26.24 -20.30
N LEU C 104 -27.53 27.01 -19.99
CA LEU C 104 -27.60 28.09 -19.00
C LEU C 104 -27.82 29.43 -19.71
N GLU C 105 -28.88 30.15 -19.33
CA GLU C 105 -29.22 31.46 -19.87
C GLU C 105 -28.92 32.54 -18.82
N ILE C 106 -28.76 33.79 -19.30
CA ILE C 106 -28.41 34.91 -18.43
C ILE C 106 -29.49 35.29 -17.41
N LYS C 107 -30.77 35.07 -17.71
CA LYS C 107 -31.82 35.45 -16.74
C LYS C 107 -33.10 34.63 -16.89
N GLU D 1 3.91 -3.29 31.44
CA GLU D 1 2.73 -3.67 32.27
C GLU D 1 2.44 -5.17 32.23
N VAL D 2 3.19 -5.92 31.43
CA VAL D 2 3.07 -7.37 31.36
C VAL D 2 4.38 -7.95 31.86
N GLN D 3 4.40 -8.39 33.12
CA GLN D 3 5.60 -8.90 33.76
C GLN D 3 5.67 -10.41 33.65
N LEU D 4 6.89 -10.93 33.76
CA LEU D 4 7.16 -12.36 33.84
C LEU D 4 7.87 -12.65 35.15
N GLN D 5 7.51 -13.75 35.80
CA GLN D 5 8.16 -14.16 37.05
C GLN D 5 8.60 -15.61 36.92
N GLU D 6 9.90 -15.84 37.09
CA GLU D 6 10.46 -17.18 37.08
C GLU D 6 10.13 -17.94 38.36
N SER D 7 9.95 -19.25 38.23
CA SER D 7 9.70 -20.08 39.40
C SER D 7 10.26 -21.47 39.13
N GLY D 8 10.93 -22.03 40.14
CA GLY D 8 11.52 -23.34 40.06
C GLY D 8 12.36 -23.63 41.29
N PRO D 9 12.99 -24.80 41.33
CA PRO D 9 13.83 -25.13 42.48
C PRO D 9 15.09 -24.29 42.47
N SER D 10 15.63 -24.04 43.67
CA SER D 10 16.90 -23.32 43.75
C SER D 10 18.10 -24.22 43.46
N LEU D 11 17.99 -25.52 43.75
CA LEU D 11 19.06 -26.47 43.50
C LEU D 11 18.48 -27.75 42.94
N VAL D 12 19.18 -28.33 41.97
CA VAL D 12 18.84 -29.63 41.41
C VAL D 12 20.08 -30.51 41.50
N LYS D 13 19.87 -31.79 41.73
CA LYS D 13 20.99 -32.71 41.81
C LYS D 13 21.53 -32.98 40.40
N PRO D 14 22.79 -33.40 40.29
CA PRO D 14 23.28 -33.84 38.98
C PRO D 14 22.47 -35.01 38.44
N SER D 15 22.32 -35.04 37.10
CA SER D 15 21.57 -36.09 36.42
C SER D 15 20.18 -36.27 37.01
N GLN D 16 19.52 -35.15 37.30
CA GLN D 16 18.17 -35.12 37.83
C GLN D 16 17.38 -34.10 37.03
N THR D 17 16.12 -34.44 36.74
CA THR D 17 15.29 -33.55 35.94
C THR D 17 15.10 -32.21 36.65
N LEU D 18 15.37 -31.14 35.91
CA LEU D 18 15.21 -29.77 36.34
C LEU D 18 14.03 -29.18 35.62
N SER D 19 13.11 -28.53 36.33
CA SER D 19 11.98 -27.90 35.66
C SER D 19 11.66 -26.55 36.27
N LEU D 20 11.56 -25.55 35.40
CA LEU D 20 11.23 -24.16 35.75
C LEU D 20 9.97 -23.76 35.03
N THR D 21 9.14 -22.95 35.67
CA THR D 21 7.87 -22.50 35.08
C THR D 21 7.76 -20.99 35.03
N CYS D 22 7.46 -20.46 33.84
CA CYS D 22 7.25 -19.04 33.63
C CYS D 22 5.82 -18.72 34.03
N SER D 23 5.66 -17.74 34.90
CA SER D 23 4.36 -17.20 35.29
C SER D 23 4.16 -15.87 34.58
N VAL D 24 3.13 -15.80 33.74
CA VAL D 24 2.83 -14.59 32.97
C VAL D 24 1.76 -13.82 33.71
N THR D 25 2.03 -12.54 33.97
CA THR D 25 1.15 -11.70 34.78
C THR D 25 0.14 -10.91 33.96
N GLY D 26 0.14 -11.03 32.65
CA GLY D 26 -0.78 -10.24 31.85
C GLY D 26 -0.78 -10.66 30.40
N ALA D 27 -1.46 -9.86 29.58
CA ALA D 27 -1.66 -10.14 28.16
C ALA D 27 -2.24 -11.55 28.00
N SER D 28 -1.71 -12.37 27.11
CA SER D 28 -2.21 -13.73 26.94
C SER D 28 -1.14 -14.57 26.26
N ILE D 29 -1.08 -15.85 26.64
CA ILE D 29 -0.20 -16.82 26.02
C ILE D 29 -0.65 -17.20 24.62
N THR D 30 -1.80 -16.68 24.19
CA THR D 30 -2.37 -16.93 22.87
C THR D 30 -1.99 -15.84 21.86
N SER D 31 -1.10 -14.92 22.23
CA SER D 31 -0.63 -13.88 21.33
C SER D 31 0.86 -13.61 21.54
N GLY D 32 1.57 -13.47 20.44
CA GLY D 32 2.99 -13.22 20.42
C GLY D 32 3.81 -14.48 20.61
N TYR D 33 5.10 -14.32 20.89
CA TYR D 33 6.02 -15.43 21.01
C TYR D 33 6.72 -15.38 22.36
N TRP D 34 6.97 -16.55 22.95
CA TRP D 34 7.54 -16.63 24.28
C TRP D 34 8.80 -17.48 24.22
N ASN D 35 9.75 -17.26 25.13
CA ASN D 35 10.99 -18.00 25.07
C ASN D 35 11.60 -18.20 26.44
N TRP D 36 12.70 -18.97 26.41
CA TRP D 36 13.58 -19.23 27.54
C TRP D 36 15.03 -18.95 27.14
N ILE D 37 15.69 -18.09 27.93
CA ILE D 37 17.06 -17.64 27.73
C ILE D 37 17.78 -17.77 29.07
N ARG D 38 19.07 -18.11 29.05
CA ARG D 38 19.83 -18.14 30.29
C ARG D 38 21.17 -17.44 30.14
N LYS D 39 21.61 -16.83 31.25
CA LYS D 39 22.87 -16.12 31.39
C LYS D 39 23.80 -16.92 32.28
N PHE D 40 25.01 -17.16 31.80
CA PHE D 40 26.05 -17.86 32.53
C PHE D 40 26.89 -16.86 33.31
N PRO D 41 27.45 -17.25 34.47
CA PRO D 41 28.29 -16.31 35.25
C PRO D 41 29.37 -15.59 34.46
N GLY D 42 29.95 -16.20 33.43
CA GLY D 42 30.99 -15.51 32.68
C GLY D 42 30.50 -14.53 31.63
N ASN D 43 29.50 -13.72 31.98
CA ASN D 43 28.96 -12.65 31.12
C ASN D 43 28.64 -13.13 29.71
N ARG D 44 28.00 -14.29 29.60
CA ARG D 44 27.62 -14.80 28.29
C ARG D 44 26.22 -15.36 28.39
N LEU D 45 25.45 -15.19 27.33
CA LEU D 45 24.07 -15.62 27.24
C LEU D 45 23.91 -16.55 26.05
N GLU D 46 22.94 -17.46 26.16
CA GLU D 46 22.54 -18.31 25.04
C GLU D 46 21.04 -18.43 25.06
N TYR D 47 20.45 -18.55 23.88
CA TYR D 47 19.01 -18.74 23.76
C TYR D 47 18.70 -20.22 23.81
N MET D 48 17.79 -20.62 24.70
CA MET D 48 17.48 -22.04 24.79
C MET D 48 16.28 -22.44 23.96
N GLY D 49 15.27 -21.57 23.81
CA GLY D 49 14.17 -22.04 22.98
C GLY D 49 13.02 -21.07 22.85
N TYR D 50 12.15 -21.42 21.89
CA TYR D 50 11.00 -20.67 21.41
C TYR D 50 9.70 -21.44 21.57
N ILE D 51 8.66 -20.74 22.03
CA ILE D 51 7.30 -21.26 22.18
C ILE D 51 6.36 -20.40 21.34
N SER D 52 5.63 -21.04 20.43
CA SER D 52 4.63 -20.37 19.62
C SER D 52 3.33 -20.28 20.39
N TYR D 53 2.62 -19.15 20.24
CA TYR D 53 1.33 -19.00 20.89
C TYR D 53 0.28 -19.98 20.39
N SER D 54 0.47 -20.52 19.19
CA SER D 54 -0.45 -21.47 18.59
C SER D 54 -0.08 -22.91 18.87
N GLY D 55 1.01 -23.13 19.59
CA GLY D 55 1.57 -24.44 19.87
C GLY D 55 2.71 -24.71 18.92
N GLY D 56 3.65 -25.50 19.39
CA GLY D 56 4.82 -25.85 18.62
C GLY D 56 6.01 -25.09 19.18
N THR D 57 7.17 -25.73 19.15
CA THR D 57 8.37 -25.12 19.69
C THR D 57 9.56 -25.27 18.75
N TYR D 58 10.56 -24.44 19.01
CA TYR D 58 11.86 -24.48 18.40
C TYR D 58 12.90 -24.55 19.50
N TYR D 59 13.95 -25.35 19.30
CA TYR D 59 15.01 -25.48 20.28
C TYR D 59 16.36 -25.16 19.66
N ASN D 60 17.24 -24.62 20.49
CA ASN D 60 18.62 -24.37 20.13
C ASN D 60 19.36 -25.70 20.04
N PRO D 61 19.97 -26.05 18.89
CA PRO D 61 20.67 -27.35 18.81
C PRO D 61 21.66 -27.63 19.93
N SER D 62 22.23 -26.60 20.55
CA SER D 62 23.18 -26.83 21.63
C SER D 62 22.53 -27.46 22.85
N LEU D 63 21.20 -27.42 22.95
CA LEU D 63 20.43 -28.00 24.04
C LEU D 63 19.69 -29.26 23.60
N LYS D 64 20.05 -29.80 22.42
CA LYS D 64 19.37 -30.94 21.82
C LYS D 64 19.19 -32.13 22.75
N SER D 65 18.00 -32.72 22.68
CA SER D 65 17.54 -33.92 23.38
C SER D 65 17.23 -33.71 24.86
N ARG D 66 18.14 -33.09 25.60
CA ARG D 66 17.90 -32.88 27.02
C ARG D 66 16.77 -31.89 27.28
N ILE D 67 16.52 -30.98 26.35
CA ILE D 67 15.56 -29.90 26.54
C ILE D 67 14.16 -30.29 26.07
N SER D 68 13.16 -30.01 26.90
CA SER D 68 11.75 -30.22 26.60
C SER D 68 10.99 -28.97 27.06
N ILE D 69 10.36 -28.26 26.13
CA ILE D 69 9.62 -27.04 26.45
C ILE D 69 8.16 -27.23 26.08
N THR D 70 7.26 -26.90 27.01
CA THR D 70 5.83 -26.99 26.73
C THR D 70 5.14 -25.77 27.33
N ARG D 71 3.82 -25.74 27.16
CA ARG D 71 2.99 -24.63 27.61
C ARG D 71 1.70 -25.11 28.23
N ASP D 72 1.26 -24.40 29.27
CA ASP D 72 -0.03 -24.63 29.89
C ASP D 72 -1.05 -23.77 29.15
N THR D 73 -2.32 -23.83 29.57
CA THR D 73 -3.36 -23.07 28.90
C THR D 73 -4.00 -22.00 29.79
N SER D 74 -4.98 -22.42 30.61
CA SER D 74 -5.74 -21.47 31.42
C SER D 74 -4.92 -20.77 32.48
N LYS D 75 -3.74 -21.29 32.82
CA LYS D 75 -2.92 -20.68 33.86
C LYS D 75 -1.92 -19.66 33.33
N ASN D 76 -1.85 -19.45 32.01
CA ASN D 76 -0.92 -18.49 31.41
C ASN D 76 0.52 -18.74 31.89
N GLN D 77 0.94 -20.00 31.84
CA GLN D 77 2.29 -20.36 32.23
C GLN D 77 2.91 -21.33 31.23
N TYR D 78 4.24 -21.28 31.18
CA TYR D 78 5.05 -22.14 30.31
C TYR D 78 6.07 -22.87 31.17
N TYR D 79 6.54 -24.04 30.74
CA TYR D 79 7.66 -24.59 31.50
C TYR D 79 8.70 -25.24 30.60
N LEU D 80 9.93 -25.21 31.15
CA LEU D 80 11.15 -25.73 30.57
C LEU D 80 11.64 -26.86 31.45
N GLN D 81 11.87 -28.04 30.86
CA GLN D 81 12.37 -29.20 31.57
C GLN D 81 13.66 -29.69 30.92
N LEU D 82 14.70 -29.85 31.73
CA LEU D 82 15.98 -30.40 31.29
C LEU D 82 16.17 -31.76 31.95
N ASN D 83 16.32 -32.79 31.12
CA ASN D 83 16.42 -34.16 31.61
C ASN D 83 17.85 -34.59 31.85
N SER D 84 18.82 -33.68 31.69
CA SER D 84 20.22 -33.96 31.97
C SER D 84 20.87 -32.66 32.40
N VAL D 85 21.51 -32.67 33.58
CA VAL D 85 22.17 -31.48 34.10
C VAL D 85 23.55 -31.86 34.63
N THR D 86 24.48 -30.91 34.50
CA THR D 86 25.83 -31.01 35.06
C THR D 86 26.19 -29.69 35.73
N THR D 87 27.42 -29.60 36.25
CA THR D 87 27.81 -28.41 36.99
C THR D 87 27.96 -27.20 36.10
N GLU D 88 28.15 -27.40 34.80
CA GLU D 88 28.26 -26.31 33.84
C GLU D 88 26.92 -25.68 33.50
N ASP D 89 25.83 -26.26 33.98
CA ASP D 89 24.48 -25.74 33.74
C ASP D 89 24.00 -24.82 34.85
N THR D 90 24.85 -24.49 35.84
CA THR D 90 24.44 -23.52 36.84
C THR D 90 24.36 -22.17 36.16
N ALA D 91 23.21 -21.50 36.28
CA ALA D 91 23.06 -20.25 35.55
C ALA D 91 21.83 -19.50 36.04
N THR D 92 21.73 -18.24 35.64
CA THR D 92 20.51 -17.48 35.86
C THR D 92 19.62 -17.65 34.64
N TYR D 93 18.40 -18.13 34.88
CA TYR D 93 17.41 -18.40 33.85
C TYR D 93 16.42 -17.25 33.79
N TYR D 94 16.06 -16.86 32.55
CA TYR D 94 15.09 -15.81 32.31
C TYR D 94 13.99 -16.31 31.38
N CYS D 95 12.79 -15.83 31.68
CA CYS D 95 11.59 -15.96 30.87
C CYS D 95 11.42 -14.68 30.09
N ALA D 96 11.10 -14.77 28.80
CA ALA D 96 10.91 -13.53 28.09
C ALA D 96 9.97 -13.67 26.92
N ARG D 97 9.42 -12.53 26.52
CA ARG D 97 8.64 -12.41 25.31
C ARG D 97 9.66 -12.13 24.24
N ASP D 98 9.44 -12.64 23.04
CA ASP D 98 10.41 -12.38 22.01
C ASP D 98 10.53 -10.89 21.76
N PHE D 99 11.74 -10.39 21.90
CA PHE D 99 12.10 -9.01 21.64
C PHE D 99 11.27 -7.98 22.41
N ASP D 100 10.82 -8.29 23.64
CA ASP D 100 10.02 -7.29 24.37
C ASP D 100 10.30 -7.17 25.88
N VAL D 101 9.54 -7.87 26.74
CA VAL D 101 9.72 -7.79 28.19
C VAL D 101 10.45 -9.00 28.73
N TRP D 102 11.43 -8.75 29.58
CA TRP D 102 12.20 -9.76 30.28
C TRP D 102 11.78 -9.82 31.74
N GLY D 103 11.85 -11.01 32.33
CA GLY D 103 11.60 -11.17 33.74
C GLY D 103 12.82 -10.86 34.57
N ALA D 104 12.62 -10.94 35.89
CA ALA D 104 13.74 -10.65 36.80
C ALA D 104 14.81 -11.72 36.72
N GLY D 105 14.42 -12.96 36.52
CA GLY D 105 15.36 -14.05 36.44
C GLY D 105 15.52 -14.75 37.79
N THR D 106 15.96 -16.00 37.72
CA THR D 106 16.22 -16.79 38.92
C THR D 106 17.49 -17.58 38.67
N THR D 107 18.22 -17.92 39.73
CA THR D 107 19.47 -18.65 39.59
C THR D 107 19.30 -20.08 40.07
N VAL D 108 19.75 -21.02 39.24
CA VAL D 108 19.68 -22.44 39.54
C VAL D 108 21.09 -23.00 39.62
N THR D 109 21.37 -23.66 40.75
CA THR D 109 22.64 -24.32 41.02
C THR D 109 22.51 -25.80 40.72
N VAL D 110 23.49 -26.35 40.01
CA VAL D 110 23.54 -27.79 39.74
C VAL D 110 24.74 -28.33 40.50
N SER D 111 24.47 -29.02 41.61
CA SER D 111 25.51 -29.50 42.50
C SER D 111 24.88 -30.51 43.44
N SER D 112 25.73 -31.21 44.19
CA SER D 112 25.26 -32.14 45.21
C SER D 112 24.69 -31.38 46.40
N ILE E 2 25.36 -18.08 14.50
CA ILE E 2 25.50 -16.63 14.56
C ILE E 2 26.47 -16.28 15.69
N VAL E 3 27.24 -15.21 15.50
CA VAL E 3 28.24 -14.77 16.47
C VAL E 3 28.07 -13.28 16.76
N MET E 4 28.68 -12.85 17.86
CA MET E 4 28.70 -11.45 18.26
C MET E 4 30.06 -11.11 18.84
N THR E 5 30.55 -9.89 18.54
CA THR E 5 31.77 -9.36 19.15
C THR E 5 31.48 -8.00 19.76
N GLN E 6 31.85 -7.81 21.03
CA GLN E 6 31.74 -6.53 21.74
C GLN E 6 33.06 -6.25 22.44
N SER E 7 34.05 -5.73 21.71
CA SER E 7 35.39 -5.56 22.27
C SER E 7 35.51 -4.24 23.03
N GLN E 8 34.65 -4.08 24.04
CA GLN E 8 34.62 -2.88 24.87
C GLN E 8 34.30 -3.27 26.30
N LYS E 9 34.97 -2.66 27.26
CA LYS E 9 34.70 -2.91 28.67
C LYS E 9 34.99 -1.68 29.51
N PHE E 10 34.17 -1.51 30.56
CA PHE E 10 34.33 -0.50 31.60
C PHE E 10 34.55 0.90 31.03
N MET E 11 33.73 1.30 30.06
CA MET E 11 33.89 2.61 29.48
C MET E 11 33.36 3.64 30.47
N SER E 12 34.04 4.77 30.58
CA SER E 12 33.60 5.83 31.47
C SER E 12 33.07 7.02 30.70
N THR E 13 32.18 7.76 31.36
CA THR E 13 31.63 8.99 30.83
C THR E 13 31.37 9.94 32.00
N SER E 14 31.46 11.23 31.74
CA SER E 14 31.14 12.24 32.76
C SER E 14 29.70 12.69 32.53
N VAL E 15 29.14 13.39 33.52
CA VAL E 15 27.77 13.87 33.37
C VAL E 15 27.73 14.90 32.25
N GLY E 16 26.80 14.72 31.31
CA GLY E 16 26.63 15.59 30.18
C GLY E 16 27.32 15.12 28.91
N ASP E 17 28.23 14.16 29.03
CA ASP E 17 28.96 13.65 27.88
C ASP E 17 28.07 12.78 27.01
N ARG E 18 28.49 12.64 25.76
CA ARG E 18 27.86 11.72 24.82
C ARG E 18 28.77 10.50 24.75
N VAL E 19 28.29 9.34 25.19
CA VAL E 19 29.10 8.13 25.26
C VAL E 19 28.48 7.06 24.38
N SER E 20 29.29 6.42 23.54
CA SER E 20 28.80 5.40 22.62
C SER E 20 29.28 3.98 22.95
N VAL E 21 28.45 3.02 22.52
CA VAL E 21 28.72 1.59 22.59
C VAL E 21 28.47 0.99 21.21
N THR E 22 29.31 0.03 20.82
CA THR E 22 29.20 -0.61 19.51
C THR E 22 29.22 -2.12 19.64
N CYS E 23 28.73 -2.79 18.60
CA CYS E 23 28.82 -4.25 18.52
C CYS E 23 29.00 -4.67 17.07
N LYS E 24 29.77 -5.73 16.87
CA LYS E 24 30.06 -6.30 15.56
C LYS E 24 29.70 -7.77 15.52
N ALA E 25 29.56 -8.29 14.31
CA ALA E 25 29.28 -9.70 14.09
C ALA E 25 29.87 -10.12 12.76
N SER E 26 30.09 -11.43 12.60
CA SER E 26 30.58 -11.93 11.32
C SER E 26 29.51 -11.85 10.25
N GLN E 27 28.25 -11.99 10.65
CA GLN E 27 27.12 -11.88 9.74
C GLN E 27 26.80 -10.41 9.55
N ASN E 28 26.34 -10.04 8.37
CA ASN E 28 26.02 -8.64 8.15
C ASN E 28 24.75 -8.25 8.91
N VAL E 29 23.85 -9.19 9.13
CA VAL E 29 22.64 -9.02 9.93
C VAL E 29 21.63 -8.04 9.34
N GLY E 30 22.07 -6.82 9.02
CA GLY E 30 21.15 -5.83 8.50
C GLY E 30 20.35 -5.24 9.66
N THR E 31 19.15 -4.74 9.35
CA THR E 31 18.34 -4.09 10.37
C THR E 31 17.58 -5.13 11.19
N ASN E 32 18.34 -5.99 11.86
CA ASN E 32 17.82 -7.11 12.65
C ASN E 32 18.49 -7.17 14.01
N VAL E 33 18.60 -6.03 14.69
CA VAL E 33 19.23 -5.96 16.01
C VAL E 33 18.33 -5.17 16.96
N GLY E 34 18.68 -5.26 18.24
CA GLY E 34 18.10 -4.44 19.27
C GLY E 34 19.08 -4.45 20.43
N TRP E 35 18.74 -3.76 21.50
CA TRP E 35 19.65 -3.70 22.63
C TRP E 35 18.94 -3.76 23.98
N PHE E 36 19.67 -4.31 24.95
CA PHE E 36 19.24 -4.43 26.34
C PHE E 36 20.02 -3.51 27.26
N GLN E 37 19.35 -3.12 28.34
CA GLN E 37 19.94 -2.42 29.49
C GLN E 37 19.64 -3.26 30.72
N GLN E 38 20.69 -3.80 31.35
CA GLN E 38 20.60 -4.65 32.53
C GLN E 38 21.18 -3.92 33.74
N LYS E 39 20.31 -3.48 34.63
CA LYS E 39 20.71 -2.81 35.86
C LYS E 39 20.68 -3.83 36.99
N PRO E 40 21.75 -4.02 37.78
CA PRO E 40 21.67 -5.01 38.87
C PRO E 40 20.51 -4.71 39.80
N GLY E 41 19.82 -5.76 40.21
CA GLY E 41 18.70 -5.68 41.11
C GLY E 41 17.36 -5.47 40.43
N GLN E 42 17.34 -5.23 39.12
CA GLN E 42 16.14 -4.99 38.36
C GLN E 42 16.06 -5.95 37.18
N SER E 43 14.86 -6.20 36.71
CA SER E 43 14.71 -6.97 35.50
C SER E 43 15.33 -6.21 34.33
N PRO E 44 16.00 -6.86 33.39
CA PRO E 44 16.51 -6.12 32.24
C PRO E 44 15.36 -5.63 31.39
N LYS E 45 15.55 -4.47 30.78
CA LYS E 45 14.56 -3.89 29.89
C LYS E 45 15.06 -3.94 28.45
N SER E 46 14.15 -4.21 27.53
CA SER E 46 14.47 -4.15 26.12
C SER E 46 14.40 -2.68 25.79
N LEU E 47 15.52 -2.12 25.36
CA LEU E 47 15.63 -0.68 25.21
C LEU E 47 15.66 -0.22 23.77
N ILE E 48 16.38 -0.90 22.87
CA ILE E 48 16.48 -0.46 21.47
C ILE E 48 15.77 -1.48 20.60
N TYR E 49 14.79 -0.98 19.83
CA TYR E 49 13.97 -1.78 18.92
C TYR E 49 14.47 -1.68 17.48
N SER E 50 14.68 -2.84 16.85
CA SER E 50 15.17 -2.88 15.48
C SER E 50 16.48 -2.12 15.34
N ALA E 51 16.83 -1.70 14.11
CA ALA E 51 18.13 -1.09 13.89
C ALA E 51 18.26 0.19 14.69
N SER E 52 17.19 0.97 14.77
CA SER E 52 17.20 2.20 15.53
C SER E 52 15.77 2.70 15.76
N TYR E 53 15.31 2.63 16.99
CA TYR E 53 13.97 3.04 17.36
C TYR E 53 13.96 3.12 18.88
N ARG E 54 12.83 3.54 19.46
CA ARG E 54 12.64 3.57 20.90
C ARG E 54 11.37 2.86 21.30
N TYR E 55 11.48 1.84 22.15
CA TYR E 55 10.27 1.16 22.61
C TYR E 55 9.48 2.20 23.38
N SER E 56 8.15 2.07 23.39
CA SER E 56 7.36 3.03 24.15
C SER E 56 7.89 3.14 25.58
N GLY E 57 8.10 4.38 26.03
CA GLY E 57 8.64 4.61 27.36
C GLY E 57 10.13 4.87 27.38
N VAL E 58 10.84 4.61 26.29
CA VAL E 58 12.28 4.80 26.21
C VAL E 58 12.60 6.27 25.96
N PRO E 59 13.52 6.89 26.72
CA PRO E 59 13.84 8.30 26.48
C PRO E 59 14.55 8.54 25.16
N ASP E 60 14.36 9.76 24.64
CA ASP E 60 14.92 10.20 23.37
C ASP E 60 16.43 10.41 23.42
N ARG E 61 16.98 10.68 24.61
CA ARG E 61 18.42 10.95 24.76
C ARG E 61 19.31 9.80 24.31
N PHE E 62 18.78 8.59 24.18
CA PHE E 62 19.53 7.41 23.77
C PHE E 62 19.18 7.00 22.35
N THR E 63 20.07 7.32 21.42
CA THR E 63 19.83 7.16 19.99
C THR E 63 20.75 6.11 19.39
N GLY E 64 20.18 5.16 18.63
CA GLY E 64 20.96 4.15 17.96
C GLY E 64 21.24 4.48 16.52
N SER E 65 22.06 3.63 15.91
CA SER E 65 22.39 3.75 14.50
C SER E 65 22.55 2.37 13.90
N GLY E 66 21.83 2.16 12.79
CA GLY E 66 21.81 0.90 12.08
C GLY E 66 23.00 0.78 11.15
N SER E 67 23.15 -0.40 10.59
CA SER E 67 24.25 -0.69 9.68
C SER E 67 24.04 -2.09 9.10
N GLY E 68 25.04 -2.55 8.37
CA GLY E 68 25.14 -3.92 7.93
C GLY E 68 26.28 -4.61 8.65
N THR E 69 26.91 -3.93 9.61
CA THR E 69 28.03 -4.40 10.42
C THR E 69 28.32 -3.22 11.34
N ASP E 70 28.84 -3.47 12.54
CA ASP E 70 29.26 -2.39 13.44
C ASP E 70 28.08 -1.46 13.78
N PHE E 71 27.14 -2.03 14.53
CA PHE E 71 25.92 -1.33 14.92
C PHE E 71 26.27 -0.49 16.15
N THR E 72 25.70 0.71 16.27
CA THR E 72 26.12 1.57 17.39
C THR E 72 24.94 2.23 18.09
N LEU E 73 25.27 2.74 19.28
CA LEU E 73 24.41 3.52 20.16
C LEU E 73 25.18 4.63 20.83
N THR E 74 24.53 5.79 20.97
CA THR E 74 25.11 6.90 21.73
C THR E 74 24.10 7.36 22.77
N ILE E 75 24.57 7.54 24.01
CA ILE E 75 23.77 8.08 25.09
C ILE E 75 24.15 9.55 25.15
N SER E 76 23.23 10.44 24.82
CA SER E 76 23.52 11.86 24.87
C SER E 76 23.11 12.40 26.24
N ASN E 77 23.83 13.41 26.71
CA ASN E 77 23.48 14.11 27.95
C ASN E 77 23.28 13.18 29.15
N VAL E 78 24.26 12.30 29.42
CA VAL E 78 24.11 11.36 30.52
C VAL E 78 23.83 12.14 31.80
N GLN E 79 22.82 11.70 32.56
CA GLN E 79 22.42 12.40 33.78
C GLN E 79 22.71 11.53 34.99
N SER E 80 21.78 10.65 35.40
CA SER E 80 21.95 9.80 36.55
C SER E 80 21.21 8.49 36.32
N GLU E 81 21.63 7.46 37.06
CA GLU E 81 21.02 6.14 36.96
C GLU E 81 21.08 5.60 35.54
N ASP E 82 22.19 5.88 34.86
CA ASP E 82 22.44 5.39 33.51
C ASP E 82 23.52 4.31 33.47
N LEU E 83 23.99 3.82 34.63
CA LEU E 83 25.05 2.83 34.65
C LEU E 83 24.42 1.44 34.66
N ALA E 84 24.74 0.64 33.66
CA ALA E 84 24.15 -0.67 33.49
C ALA E 84 25.03 -1.47 32.55
N GLU E 85 24.81 -2.77 32.51
CA GLU E 85 25.43 -3.57 31.46
C GLU E 85 24.53 -3.47 30.23
N TYR E 86 25.12 -3.18 29.07
CA TYR E 86 24.36 -3.07 27.83
C TYR E 86 24.72 -4.22 26.92
N PHE E 87 23.72 -4.74 26.20
CA PHE E 87 23.94 -5.88 25.32
C PHE E 87 23.35 -5.68 23.94
N CYS E 88 24.08 -6.19 22.94
CA CYS E 88 23.67 -6.22 21.55
C CYS E 88 22.89 -7.52 21.32
N HIS E 89 21.70 -7.39 20.76
CA HIS E 89 20.74 -8.48 20.58
C HIS E 89 20.44 -8.72 19.11
N GLN E 90 20.72 -9.92 18.61
CA GLN E 90 20.41 -10.28 17.23
C GLN E 90 18.96 -10.68 17.03
N TYR E 91 18.39 -10.29 15.88
CA TYR E 91 17.07 -10.73 15.43
C TYR E 91 17.14 -11.55 14.15
N TYR E 92 18.32 -11.66 13.55
CA TYR E 92 18.44 -12.18 12.19
C TYR E 92 17.91 -13.61 12.04
N SER E 93 18.19 -14.48 13.00
CA SER E 93 17.80 -15.89 12.92
C SER E 93 17.23 -16.32 14.26
N TYR E 94 16.47 -17.43 14.25
CA TYR E 94 15.94 -17.94 15.50
C TYR E 94 17.03 -18.26 16.50
N PRO E 95 18.15 -18.89 16.14
CA PRO E 95 19.25 -18.98 17.10
C PRO E 95 19.67 -17.55 17.40
N LEU E 96 19.84 -17.22 18.68
CA LEU E 96 20.27 -15.89 19.04
C LEU E 96 21.64 -15.97 19.67
N THR E 97 22.37 -14.87 19.56
CA THR E 97 23.63 -14.71 20.26
C THR E 97 23.67 -13.32 20.86
N PHE E 98 24.44 -13.19 21.93
CA PHE E 98 24.60 -11.94 22.62
C PHE E 98 26.09 -11.72 22.79
N GLY E 99 26.50 -10.46 22.85
CA GLY E 99 27.87 -10.17 23.14
C GLY E 99 28.09 -10.21 24.62
N SER E 100 29.32 -9.98 25.04
CA SER E 100 29.61 -9.99 26.46
C SER E 100 29.16 -8.68 27.13
N GLY E 101 28.80 -7.67 26.34
CA GLY E 101 28.29 -6.43 26.85
C GLY E 101 29.39 -5.49 27.30
N THR E 102 28.98 -4.32 27.74
CA THR E 102 29.87 -3.29 28.24
C THR E 102 29.34 -2.76 29.56
N LYS E 103 30.24 -2.28 30.40
CA LYS E 103 29.86 -1.64 31.66
C LYS E 103 30.18 -0.16 31.54
N LEU E 104 29.26 0.67 32.03
CA LEU E 104 29.45 2.12 32.04
C LEU E 104 29.85 2.63 33.41
N GLU E 105 30.79 3.58 33.43
CA GLU E 105 31.21 4.28 34.63
C GLU E 105 30.81 5.74 34.52
N ILE E 106 30.66 6.39 35.68
CA ILE E 106 30.21 7.78 35.74
C ILE E 106 31.38 8.73 36.05
N LYS E 107 32.61 8.24 36.06
CA LYS E 107 33.75 9.11 36.33
C LYS E 107 34.07 9.95 35.10
N VAL F 233 14.95 -19.86 0.57
CA VAL F 233 14.81 -18.44 0.31
C VAL F 233 14.10 -17.80 1.50
N ALA F 234 14.73 -16.80 2.09
CA ALA F 234 14.10 -16.07 3.17
C ALA F 234 12.93 -15.22 2.62
N PRO F 235 11.86 -15.06 3.40
CA PRO F 235 10.74 -14.26 2.90
C PRO F 235 11.08 -12.78 2.79
N GLU F 236 10.34 -12.11 1.91
CA GLU F 236 10.44 -10.67 1.68
C GLU F 236 9.11 -10.04 2.07
N VAL F 237 9.15 -9.09 3.00
CA VAL F 237 7.96 -8.44 3.56
C VAL F 237 8.00 -6.95 3.31
N GLN F 238 6.84 -6.41 2.91
CA GLN F 238 6.63 -4.97 2.72
C GLN F 238 5.26 -4.63 3.27
N VAL F 239 5.11 -3.41 3.82
CA VAL F 239 3.83 -2.94 4.34
C VAL F 239 3.46 -1.64 3.64
N LEU F 240 2.24 -1.60 3.13
CA LEU F 240 1.66 -0.45 2.43
C LEU F 240 0.35 -0.05 3.09
N HIS F 241 -0.06 1.21 2.91
CA HIS F 241 -1.33 1.67 3.46
C HIS F 241 -2.03 2.63 2.49
N PRO F 242 -3.37 2.72 2.52
CA PRO F 242 -4.06 3.68 1.65
C PRO F 242 -3.75 5.15 1.90
N SER F 243 -3.25 5.52 3.08
CA SER F 243 -2.96 6.91 3.42
C SER F 243 -4.17 7.80 3.11
N SER F 244 -4.05 8.79 2.23
CA SER F 244 -5.17 9.67 1.87
C SER F 244 -5.75 10.36 3.09
N CYS F 245 -4.88 10.79 4.00
CA CYS F 245 -5.24 11.54 5.19
C CYS F 245 -6.21 10.75 6.08
N SER F 252 -9.84 4.91 11.19
CA SER F 252 -8.80 3.89 11.09
C SER F 252 -8.30 3.76 9.65
N VAL F 253 -7.02 3.42 9.51
CA VAL F 253 -6.38 3.23 8.21
C VAL F 253 -5.91 1.78 8.13
N GLU F 254 -6.17 1.13 7.00
CA GLU F 254 -5.74 -0.25 6.83
C GLU F 254 -4.25 -0.30 6.51
N LEU F 255 -3.56 -1.25 7.12
CA LEU F 255 -2.19 -1.58 6.79
C LEU F 255 -2.18 -2.96 6.17
N LEU F 256 -1.72 -3.05 4.91
CA LEU F 256 -1.65 -4.31 4.18
C LEU F 256 -0.20 -4.75 4.14
N CYS F 257 0.08 -5.89 4.77
CA CYS F 257 1.42 -6.46 4.81
C CYS F 257 1.46 -7.55 3.75
N LEU F 258 2.33 -7.39 2.76
CA LEU F 258 2.50 -8.29 1.62
C LEU F 258 3.80 -9.05 1.84
N VAL F 259 3.73 -10.38 1.91
CA VAL F 259 4.92 -11.17 2.16
C VAL F 259 5.00 -12.26 1.09
N THR F 260 6.17 -12.39 0.46
CA THR F 260 6.44 -13.39 -0.57
C THR F 260 7.76 -14.11 -0.29
N GLY F 261 8.18 -14.97 -1.22
CA GLY F 261 9.47 -15.64 -1.08
C GLY F 261 9.60 -16.76 -0.07
N PHE F 262 8.56 -17.56 0.13
CA PHE F 262 8.59 -18.63 1.13
C PHE F 262 9.06 -19.92 0.46
N SER F 263 10.34 -20.25 0.56
CA SER F 263 10.80 -21.44 -0.16
C SER F 263 10.13 -22.73 0.33
N PRO F 264 9.90 -22.95 1.62
CA PRO F 264 9.14 -24.12 2.07
C PRO F 264 7.64 -23.90 2.23
N ALA F 265 7.13 -22.74 1.80
CA ALA F 265 5.73 -22.38 1.93
C ALA F 265 5.16 -22.45 3.35
N SER F 266 5.91 -21.99 4.35
CA SER F 266 5.37 -21.98 5.72
C SER F 266 5.93 -20.81 6.51
N ALA F 267 5.03 -19.99 7.07
CA ALA F 267 5.41 -18.83 7.87
C ALA F 267 4.18 -18.30 8.60
N GLU F 268 4.42 -17.42 9.57
CA GLU F 268 3.33 -16.74 10.29
C GLU F 268 3.72 -15.28 10.51
N VAL F 269 2.73 -14.41 10.66
CA VAL F 269 2.94 -12.96 10.73
C VAL F 269 2.37 -12.37 12.03
N GLU F 270 3.20 -11.57 12.71
CA GLU F 270 2.89 -10.85 13.92
C GLU F 270 2.88 -9.34 13.65
N TRP F 271 1.88 -8.63 14.19
CA TRP F 271 1.81 -7.18 14.07
C TRP F 271 2.19 -6.52 15.39
N LEU F 272 3.01 -5.46 15.30
CA LEU F 272 3.54 -4.78 16.48
C LEU F 272 3.22 -3.30 16.39
N VAL F 273 3.08 -2.69 17.57
CA VAL F 273 2.90 -1.25 17.71
C VAL F 273 4.04 -0.73 18.58
N ASP F 274 4.82 0.20 18.05
CA ASP F 274 5.96 0.77 18.74
C ASP F 274 6.88 -0.33 19.26
N GLY F 275 7.01 -1.40 18.49
CA GLY F 275 7.88 -2.51 18.84
C GLY F 275 7.27 -3.54 19.76
N VAL F 276 6.05 -3.34 20.23
CA VAL F 276 5.39 -4.26 21.16
C VAL F 276 4.34 -5.03 20.39
N GLY F 277 4.43 -6.36 20.42
CA GLY F 277 3.50 -7.19 19.69
C GLY F 277 2.27 -7.54 20.51
N GLY F 278 1.32 -8.19 19.85
CA GLY F 278 0.13 -8.66 20.51
C GLY F 278 -0.97 -7.65 20.73
N LEU F 279 -0.81 -6.42 20.25
CA LEU F 279 -1.80 -5.37 20.48
C LEU F 279 -2.78 -5.23 19.33
N LEU F 280 -2.38 -5.65 18.13
CA LEU F 280 -3.20 -5.55 16.92
C LEU F 280 -3.56 -6.95 16.45
N VAL F 281 -4.78 -7.08 15.91
CA VAL F 281 -5.26 -8.32 15.32
C VAL F 281 -5.60 -8.01 13.87
N ALA F 282 -4.98 -8.75 12.96
CA ALA F 282 -5.17 -8.59 11.53
C ALA F 282 -5.98 -9.74 10.96
N SER F 283 -6.67 -9.47 9.86
CA SER F 283 -7.34 -10.51 9.11
C SER F 283 -6.30 -11.18 8.21
N GLN F 284 -6.06 -12.46 8.41
CA GLN F 284 -5.01 -13.17 7.70
C GLN F 284 -5.63 -13.92 6.54
N SER F 285 -5.21 -13.58 5.33
CA SER F 285 -5.67 -14.23 4.13
C SER F 285 -4.92 -15.55 3.92
N PRO F 286 -5.52 -16.51 3.24
CA PRO F 286 -4.75 -17.73 2.90
C PRO F 286 -3.73 -17.42 1.83
N ALA F 287 -2.73 -18.28 1.73
CA ALA F 287 -1.72 -18.11 0.70
C ALA F 287 -2.32 -18.31 -0.69
N VAL F 288 -1.76 -17.56 -1.65
CA VAL F 288 -2.20 -17.66 -3.04
C VAL F 288 -1.74 -18.96 -3.67
N ARG F 289 -0.77 -19.63 -3.05
CA ARG F 289 -0.21 -20.90 -3.52
C ARG F 289 0.38 -20.79 -4.92
N SER F 290 1.06 -19.69 -5.20
CA SER F 290 1.71 -19.54 -6.49
C SER F 290 2.83 -20.57 -6.58
N GLY F 291 3.02 -21.15 -7.76
CA GLY F 291 4.07 -22.15 -7.92
C GLY F 291 5.43 -21.64 -7.54
N SER F 292 5.69 -20.35 -7.77
CA SER F 292 6.98 -19.77 -7.44
C SER F 292 7.22 -19.74 -5.93
N THR F 293 6.16 -19.47 -5.15
CA THR F 293 6.21 -19.39 -3.70
C THR F 293 4.82 -19.11 -3.18
N TYR F 294 4.46 -19.66 -2.02
CA TYR F 294 3.09 -19.50 -1.52
C TYR F 294 2.98 -18.18 -0.73
N SER F 295 2.96 -17.09 -1.49
CA SER F 295 2.91 -15.75 -0.91
C SER F 295 1.55 -15.48 -0.29
N LEU F 296 1.50 -14.50 0.61
CA LEU F 296 0.25 -14.18 1.29
C LEU F 296 0.33 -12.75 1.81
N SER F 297 -0.81 -12.28 2.35
CA SER F 297 -0.88 -10.94 2.90
C SER F 297 -1.88 -10.90 4.05
N SER F 298 -1.82 -9.80 4.81
CA SER F 298 -2.75 -9.56 5.91
C SER F 298 -3.10 -8.08 6.01
N ARG F 299 -4.29 -7.78 6.52
CA ARG F 299 -4.81 -6.43 6.63
C ARG F 299 -5.22 -6.12 8.06
N VAL F 300 -4.75 -4.99 8.60
CA VAL F 300 -5.13 -4.56 9.95
C VAL F 300 -5.63 -3.12 9.97
N ASN F 301 -6.69 -2.87 10.74
CA ASN F 301 -7.22 -1.53 10.97
C ASN F 301 -6.48 -0.87 12.14
N VAL F 302 -5.68 0.17 11.87
CA VAL F 302 -4.94 0.85 12.93
C VAL F 302 -5.55 2.24 13.14
N SER F 303 -5.71 2.61 14.41
CA SER F 303 -6.37 3.85 14.81
C SER F 303 -5.80 5.08 14.14
N GLY F 304 -6.71 5.95 13.69
CA GLY F 304 -6.31 7.21 13.09
C GLY F 304 -5.59 8.14 14.05
N THR F 305 -6.00 8.10 15.32
CA THR F 305 -5.37 8.97 16.31
C THR F 305 -3.91 8.59 16.52
N ASP F 306 -3.63 7.29 16.66
CA ASP F 306 -2.25 6.86 16.87
C ASP F 306 -1.39 7.30 15.70
N TRP F 307 -1.95 7.20 14.49
CA TRP F 307 -1.27 7.62 13.28
C TRP F 307 -0.93 9.10 13.36
N ARG F 308 -1.94 9.91 13.70
CA ARG F 308 -1.75 11.35 13.82
C ARG F 308 -0.77 11.70 14.93
N GLU F 309 -0.63 10.84 15.94
CA GLU F 309 0.34 11.06 17.01
C GLU F 309 1.73 10.54 16.68
N GLY F 310 1.93 9.92 15.52
CA GLY F 310 3.24 9.44 15.12
C GLY F 310 3.67 8.10 15.65
N LYS F 311 2.75 7.24 16.07
CA LYS F 311 3.16 5.92 16.55
C LYS F 311 3.46 5.03 15.36
N SER F 312 4.63 4.40 15.37
CA SER F 312 4.99 3.52 14.27
C SER F 312 4.39 2.14 14.46
N TYR F 313 4.21 1.45 13.35
CA TYR F 313 3.72 0.09 13.31
C TYR F 313 4.72 -0.76 12.56
N SER F 314 4.75 -2.05 12.85
CA SER F 314 5.62 -2.93 12.08
C SER F 314 4.97 -4.27 11.87
N CYS F 315 5.38 -4.91 10.78
CA CYS F 315 4.92 -6.24 10.40
C CYS F 315 6.15 -7.13 10.48
N ARG F 316 6.11 -8.13 11.35
CA ARG F 316 7.22 -9.06 11.54
C ARG F 316 6.78 -10.46 11.16
N VAL F 317 7.53 -11.08 10.26
CA VAL F 317 7.23 -12.39 9.75
C VAL F 317 8.21 -13.36 10.39
N ARG F 318 7.67 -14.40 11.02
CA ARG F 318 8.45 -15.44 11.65
C ARG F 318 8.39 -16.59 10.67
N HIS F 319 9.51 -17.30 10.51
CA HIS F 319 9.56 -18.40 9.55
C HIS F 319 10.15 -19.65 10.21
N PRO F 320 9.28 -20.55 10.71
CA PRO F 320 9.73 -21.75 11.43
C PRO F 320 10.58 -22.76 10.66
N ALA F 321 10.58 -22.78 9.32
CA ALA F 321 11.35 -23.80 8.62
C ALA F 321 12.72 -23.30 8.21
N THR F 322 12.85 -22.02 7.91
CA THR F 322 14.11 -21.39 7.59
C THR F 322 14.71 -20.81 8.85
N ASN F 323 13.94 -20.83 9.95
CA ASN F 323 14.38 -20.35 11.26
C ASN F 323 14.83 -18.91 11.16
N THR F 324 14.04 -18.07 10.49
CA THR F 324 14.42 -16.65 10.42
C THR F 324 13.26 -15.72 10.71
N VAL F 325 13.61 -14.44 10.83
CA VAL F 325 12.70 -13.35 11.11
C VAL F 325 12.98 -12.23 10.13
N VAL F 326 11.94 -11.70 9.50
CA VAL F 326 12.07 -10.54 8.64
C VAL F 326 11.00 -9.55 9.08
N GLU F 327 11.23 -8.27 8.82
CA GLU F 327 10.26 -7.29 9.27
C GLU F 327 10.30 -6.05 8.38
N ASP F 328 9.22 -5.27 8.46
CA ASP F 328 9.13 -3.98 7.82
C ASP F 328 8.47 -3.01 8.79
N HIS F 329 8.75 -1.71 8.60
CA HIS F 329 8.30 -0.69 9.54
C HIS F 329 7.62 0.46 8.81
N VAL F 330 6.47 0.87 9.33
CA VAL F 330 5.71 2.00 8.84
C VAL F 330 5.76 3.08 9.91
N LYS F 331 6.35 4.22 9.59
CA LYS F 331 6.45 5.30 10.56
C LYS F 331 5.21 6.16 10.60
N GLY F 332 4.56 6.32 9.45
CA GLY F 332 3.43 7.20 9.34
C GLY F 332 3.88 8.65 9.36
N CYS F 333 2.94 9.54 9.69
CA CYS F 333 3.23 10.97 9.68
C CYS F 333 2.35 11.68 10.71
N PRO F 334 2.90 12.27 11.81
CA PRO F 334 2.09 12.93 12.85
C PRO F 334 0.93 13.81 12.35
#